data_9FD8
#
_entry.id   9FD8
#
_cell.length_a   48.084
_cell.length_b   72.470
_cell.length_c   70.885
_cell.angle_alpha   90.00
_cell.angle_beta   96.20
_cell.angle_gamma   90.00
#
_symmetry.space_group_name_H-M   'P 1 21 1'
#
loop_
_entity.id
_entity.type
_entity.pdbx_description
1 polymer 'Deoxyribose-phosphate aldolase'
2 non-polymer (2E)-3-(4-chlorophenyl)prop-2-enal
3 non-polymer GLYCEROL
4 water water
#
_entity_poly.entity_id   1
_entity_poly.type   'polypeptide(L)'
_entity_poly.pdbx_seq_one_letter_code
;MTDLKASSLRALKLMDLSTLNGDYTDEKVIALCHQAKTPVGNTAAISVYPRSIPIARKTLKEQGTPEIRIATVTNFPHGN
DDIEIALAETRAAIAYGADEVDVVFPYRALMAGNEQVGFDLVKACKEACAAANVLLKVIIETGELKDEALIRKASEISIK
AGADFIKTSTGRVAVNATPESARIMMEVIRDMGVEKSVGFKVTGGVSTAEDAQKYLAIADELFGADWADARHYRFSASGL
LASLLKALGHGDGKSASSYLEHHHHHH
;
_entity_poly.pdbx_strand_id   A,B
#
loop_
_chem_comp.id
_chem_comp.type
_chem_comp.name
_chem_comp.formula
A1ICA non-polymer (2E)-3-(4-chlorophenyl)prop-2-enal 'C9 H9 Cl O'
GOL non-polymer GLYCEROL 'C3 H8 O3'
#
# COMPACT_ATOMS: atom_id res chain seq x y z
N LEU A 4 -9.31 2.76 -39.54
CA LEU A 4 -9.87 2.25 -38.27
C LEU A 4 -8.94 1.18 -37.71
N LYS A 5 -8.41 0.30 -38.57
CA LYS A 5 -7.43 -0.68 -38.13
C LYS A 5 -6.16 0.04 -37.65
N ALA A 6 -5.71 1.03 -38.43
CA ALA A 6 -4.52 1.80 -38.09
C ALA A 6 -4.73 2.56 -36.78
N SER A 7 -5.91 3.17 -36.61
CA SER A 7 -6.16 3.93 -35.40
C SER A 7 -6.27 2.98 -34.21
N SER A 8 -6.87 1.80 -34.41
CA SER A 8 -7.06 0.85 -33.34
C SER A 8 -5.72 0.31 -32.83
N LEU A 9 -4.81 -0.01 -33.74
CA LEU A 9 -3.49 -0.48 -33.34
C LEU A 9 -2.77 0.61 -32.55
N ARG A 10 -2.90 1.84 -33.03
CA ARG A 10 -2.27 2.96 -32.38
C ARG A 10 -2.81 3.13 -30.96
N ALA A 11 -4.14 3.09 -30.81
CA ALA A 11 -4.79 3.26 -29.51
C ALA A 11 -4.40 2.13 -28.56
N LEU A 12 -4.34 0.90 -29.08
CA LEU A 12 -4.02 -0.24 -28.23
C LEU A 12 -2.67 -0.01 -27.56
N LYS A 13 -1.71 0.49 -28.34
CA LYS A 13 -0.34 0.65 -27.83
C LYS A 13 -0.24 1.88 -26.93
N LEU A 14 -1.33 2.65 -26.80
CA LEU A 14 -1.38 3.79 -25.89
C LEU A 14 -2.24 3.50 -24.67
N MET A 15 -2.66 2.25 -24.48
CA MET A 15 -3.58 1.94 -23.38
C MET A 15 -2.84 1.76 -22.06
N ASP A 16 -3.43 2.31 -20.99
CA ASP A 16 -3.13 1.90 -19.62
C ASP A 16 -4.21 0.89 -19.25
N LEU A 17 -3.88 -0.41 -19.32
CA LEU A 17 -4.92 -1.42 -19.17
C LEU A 17 -5.19 -1.68 -17.69
N SER A 18 -6.45 -1.61 -17.25
CA SER A 18 -6.83 -1.99 -15.89
CA SER A 18 -6.84 -1.98 -15.89
C SER A 18 -7.79 -3.18 -15.94
N THR A 19 -7.95 -3.88 -14.80
CA THR A 19 -8.88 -5.01 -14.75
C THR A 19 -10.28 -4.46 -14.94
N THR A 25 -7.66 -9.58 -6.60
CA THR A 25 -6.84 -10.78 -6.31
C THR A 25 -5.59 -10.77 -7.19
N ASP A 26 -4.54 -11.44 -6.71
CA ASP A 26 -3.32 -11.61 -7.45
C ASP A 26 -3.59 -12.31 -8.79
N GLU A 27 -4.51 -13.28 -8.77
CA GLU A 27 -4.86 -14.00 -9.99
C GLU A 27 -5.37 -13.04 -11.07
N LYS A 28 -6.21 -12.10 -10.69
CA LYS A 28 -6.76 -11.14 -11.64
C LYS A 28 -5.67 -10.18 -12.13
N VAL A 29 -4.69 -9.83 -11.27
CA VAL A 29 -3.61 -8.96 -11.68
C VAL A 29 -2.73 -9.69 -12.70
N ILE A 30 -2.41 -10.95 -12.40
CA ILE A 30 -1.61 -11.76 -13.28
C ILE A 30 -2.30 -11.85 -14.63
N ALA A 31 -3.61 -12.10 -14.64
CA ALA A 31 -4.38 -12.19 -15.88
C ALA A 31 -4.36 -10.86 -16.65
N LEU A 32 -4.42 -9.74 -15.91
CA LEU A 32 -4.30 -8.43 -16.52
C LEU A 32 -2.99 -8.32 -17.27
N CYS A 33 -1.91 -8.72 -16.58
CA CYS A 33 -0.60 -8.66 -17.20
C CYS A 33 -0.57 -9.49 -18.48
N HIS A 34 -1.14 -10.70 -18.43
CA HIS A 34 -1.24 -11.54 -19.61
C HIS A 34 -2.01 -10.85 -20.74
N GLN A 35 -3.12 -10.19 -20.40
CA GLN A 35 -3.95 -9.56 -21.40
C GLN A 35 -3.27 -8.36 -22.06
N ALA A 36 -2.35 -7.70 -21.35
CA ALA A 36 -1.64 -6.55 -21.86
C ALA A 36 -0.67 -6.94 -22.99
N LYS A 37 -0.26 -8.22 -23.00
CA LYS A 37 0.59 -8.75 -24.07
C LYS A 37 -0.32 -9.34 -25.14
N THR A 38 -0.76 -8.48 -26.07
CA THR A 38 -1.80 -8.86 -26.99
C THR A 38 -1.18 -9.41 -28.26
N PRO A 39 -1.96 -10.11 -29.11
CA PRO A 39 -1.43 -10.61 -30.39
C PRO A 39 -0.89 -9.57 -31.36
N VAL A 40 -1.27 -8.28 -31.17
CA VAL A 40 -0.86 -7.23 -32.08
C VAL A 40 0.10 -6.26 -31.43
N GLY A 41 0.52 -6.53 -30.19
CA GLY A 41 1.46 -5.70 -29.48
C GLY A 41 1.05 -5.52 -28.01
N ASN A 42 1.92 -4.83 -27.29
CA ASN A 42 1.76 -4.59 -25.87
C ASN A 42 1.06 -3.27 -25.67
N THR A 43 0.19 -3.21 -24.64
CA THR A 43 -0.32 -1.92 -24.20
C THR A 43 0.85 -1.10 -23.65
N ALA A 44 0.66 0.21 -23.48
CA ALA A 44 1.70 1.06 -22.92
C ALA A 44 1.97 0.70 -21.46
N ALA A 45 0.89 0.37 -20.74
CA ALA A 45 0.96 0.19 -19.30
C ALA A 45 -0.14 -0.73 -18.85
N ILE A 46 0.02 -1.20 -17.61
CA ILE A 46 -1.08 -1.73 -16.85
C ILE A 46 -1.25 -0.78 -15.66
N SER A 47 -2.48 -0.74 -15.16
CA SER A 47 -2.88 0.15 -14.08
CA SER A 47 -2.85 0.15 -14.07
C SER A 47 -3.48 -0.70 -12.97
N VAL A 48 -2.87 -0.65 -11.78
CA VAL A 48 -3.26 -1.48 -10.67
C VAL A 48 -3.21 -0.62 -9.42
N TYR A 49 -3.85 -1.08 -8.36
CA TYR A 49 -3.66 -0.46 -7.06
C TYR A 49 -2.24 -0.70 -6.54
N PRO A 50 -1.71 0.19 -5.68
CA PRO A 50 -0.31 0.14 -5.29
C PRO A 50 0.15 -1.22 -4.78
N ARG A 51 -0.69 -1.86 -3.96
CA ARG A 51 -0.31 -3.11 -3.34
C ARG A 51 -0.05 -4.23 -4.37
N SER A 52 -0.57 -4.07 -5.61
CA SER A 52 -0.49 -5.07 -6.65
C SER A 52 0.75 -4.88 -7.52
N ILE A 53 1.53 -3.83 -7.28
CA ILE A 53 2.63 -3.52 -8.18
C ILE A 53 3.67 -4.64 -8.13
N PRO A 54 4.10 -5.16 -6.97
CA PRO A 54 5.15 -6.18 -6.99
C PRO A 54 4.80 -7.45 -7.76
N ILE A 55 3.58 -7.96 -7.57
CA ILE A 55 3.21 -9.17 -8.30
C ILE A 55 3.01 -8.86 -9.78
N ALA A 56 2.55 -7.65 -10.12
CA ALA A 56 2.49 -7.26 -11.52
C ALA A 56 3.87 -7.24 -12.17
N ARG A 57 4.86 -6.68 -11.46
CA ARG A 57 6.19 -6.54 -12.01
C ARG A 57 6.78 -7.94 -12.27
N LYS A 58 6.57 -8.83 -11.30
CA LYS A 58 7.07 -10.19 -11.43
C LYS A 58 6.48 -10.85 -12.68
N THR A 59 5.16 -10.68 -12.86
CA THR A 59 4.47 -11.31 -13.96
C THR A 59 4.95 -10.74 -15.30
N LEU A 60 5.04 -9.40 -15.41
CA LEU A 60 5.51 -8.80 -16.65
C LEU A 60 6.91 -9.27 -17.01
N LYS A 61 7.80 -9.38 -16.02
CA LYS A 61 9.15 -9.87 -16.27
C LYS A 61 9.12 -11.33 -16.72
N GLU A 62 8.30 -12.17 -16.08
CA GLU A 62 8.28 -13.58 -16.40
C GLU A 62 7.76 -13.83 -17.81
N GLN A 63 6.82 -13.02 -18.29
CA GLN A 63 6.30 -13.21 -19.64
C GLN A 63 7.11 -12.45 -20.70
N GLY A 64 8.23 -11.86 -20.34
CA GLY A 64 9.11 -11.22 -21.29
C GLY A 64 8.57 -9.89 -21.80
N THR A 65 7.78 -9.16 -21.00
CA THR A 65 7.33 -7.83 -21.38
C THR A 65 7.69 -6.83 -20.28
N PRO A 66 8.99 -6.70 -19.96
CA PRO A 66 9.41 -5.80 -18.89
C PRO A 66 9.27 -4.30 -19.21
N GLU A 67 9.02 -3.97 -20.48
CA GLU A 67 8.87 -2.57 -20.86
C GLU A 67 7.41 -2.11 -20.76
N ILE A 68 6.46 -3.02 -20.46
CA ILE A 68 5.11 -2.56 -20.15
C ILE A 68 5.19 -1.82 -18.82
N ARG A 69 4.73 -0.57 -18.78
CA ARG A 69 4.88 0.26 -17.60
C ARG A 69 3.83 -0.15 -16.56
N ILE A 70 4.17 0.12 -15.29
CA ILE A 70 3.20 -0.10 -14.24
C ILE A 70 2.76 1.25 -13.70
N ALA A 71 1.48 1.56 -13.91
CA ALA A 71 0.90 2.78 -13.39
C ALA A 71 0.00 2.43 -12.22
N THR A 72 -0.15 3.38 -11.29
CA THR A 72 -1.08 3.17 -10.19
C THR A 72 -1.77 4.51 -9.88
N VAL A 73 -2.55 4.53 -8.81
CA VAL A 73 -3.39 5.68 -8.47
C VAL A 73 -3.15 6.04 -7.01
N THR A 74 -3.14 7.36 -6.73
CA THR A 74 -3.10 7.85 -5.36
C THR A 74 -4.08 9.01 -5.18
N ASN A 75 -4.34 9.35 -3.91
CA ASN A 75 -5.37 10.30 -3.54
C ASN A 75 -6.71 9.96 -4.19
N PHE A 76 -6.97 8.65 -4.33
CA PHE A 76 -7.94 8.16 -5.30
C PHE A 76 -9.06 7.36 -4.65
N PRO A 77 -10.32 7.43 -5.15
CA PRO A 77 -10.74 8.33 -6.21
C PRO A 77 -11.20 9.71 -5.76
N HIS A 78 -11.07 10.00 -4.46
CA HIS A 78 -11.73 11.11 -3.80
C HIS A 78 -11.17 12.48 -4.17
N GLY A 79 -9.87 12.58 -4.46
CA GLY A 79 -9.28 13.90 -4.69
C GLY A 79 -9.44 14.82 -3.48
N ASN A 80 -9.24 14.24 -2.28
CA ASN A 80 -9.21 15.03 -1.07
C ASN A 80 -8.05 16.03 -1.11
N ASP A 81 -8.10 17.01 -0.20
CA ASP A 81 -7.13 18.09 -0.22
C ASP A 81 -6.15 18.00 0.96
N ASP A 82 -5.89 16.78 1.46
CA ASP A 82 -4.86 16.58 2.45
C ASP A 82 -3.56 16.20 1.75
N ILE A 83 -2.64 17.15 1.69
CA ILE A 83 -1.42 16.99 0.92
C ILE A 83 -0.57 15.89 1.55
N GLU A 84 -0.46 15.87 2.89
CA GLU A 84 0.36 14.87 3.55
C GLU A 84 -0.13 13.45 3.25
N ILE A 85 -1.42 13.23 3.20
CA ILE A 85 -1.93 11.91 2.85
C ILE A 85 -1.61 11.57 1.39
N ALA A 86 -1.89 12.51 0.47
CA ALA A 86 -1.62 12.24 -0.93
C ALA A 86 -0.12 11.96 -1.17
N LEU A 87 0.74 12.71 -0.48
CA LEU A 87 2.17 12.51 -0.62
C LEU A 87 2.60 11.15 -0.07
N ALA A 88 2.09 10.77 1.12
CA ALA A 88 2.40 9.48 1.71
C ALA A 88 2.03 8.34 0.76
N GLU A 89 0.84 8.42 0.17
CA GLU A 89 0.36 7.42 -0.76
C GLU A 89 1.27 7.37 -2.00
N THR A 90 1.68 8.55 -2.50
CA THR A 90 2.53 8.63 -3.67
C THR A 90 3.92 8.04 -3.37
N ARG A 91 4.46 8.36 -2.20
CA ARG A 91 5.76 7.78 -1.80
C ARG A 91 5.66 6.25 -1.69
N ALA A 92 4.54 5.75 -1.18
CA ALA A 92 4.34 4.32 -1.07
C ALA A 92 4.25 3.68 -2.45
N ALA A 93 3.49 4.32 -3.36
CA ALA A 93 3.42 3.83 -4.74
C ALA A 93 4.82 3.71 -5.36
N ILE A 94 5.63 4.74 -5.16
CA ILE A 94 6.99 4.74 -5.67
C ILE A 94 7.78 3.57 -5.06
N ALA A 95 7.65 3.39 -3.75
CA ALA A 95 8.37 2.36 -3.02
C ALA A 95 7.95 0.97 -3.45
N TYR A 96 6.68 0.78 -3.77
CA TYR A 96 6.22 -0.50 -4.26
C TYR A 96 6.85 -0.85 -5.62
N GLY A 97 7.22 0.18 -6.40
CA GLY A 97 7.90 0.00 -7.69
C GLY A 97 7.13 0.60 -8.88
N ALA A 98 6.21 1.55 -8.64
CA ALA A 98 5.47 2.14 -9.76
C ALA A 98 6.42 2.79 -10.76
N ASP A 99 6.06 2.74 -12.06
CA ASP A 99 6.70 3.56 -13.07
C ASP A 99 5.99 4.90 -13.19
N GLU A 100 4.69 4.90 -12.90
CA GLU A 100 3.86 6.08 -13.06
C GLU A 100 2.82 6.11 -11.95
N VAL A 101 2.53 7.32 -11.46
CA VAL A 101 1.49 7.53 -10.47
C VAL A 101 0.48 8.51 -11.03
N ASP A 102 -0.79 8.11 -10.96
CA ASP A 102 -1.89 8.97 -11.38
C ASP A 102 -2.55 9.47 -10.08
N VAL A 103 -2.30 10.73 -9.74
CA VAL A 103 -2.85 11.32 -8.52
C VAL A 103 -4.14 12.09 -8.85
N VAL A 104 -5.11 12.05 -7.95
CA VAL A 104 -6.32 12.83 -8.15
C VAL A 104 -6.11 14.24 -7.60
N PHE A 105 -6.29 15.25 -8.47
CA PHE A 105 -6.25 16.64 -8.11
C PHE A 105 -7.35 16.96 -7.12
N PRO A 106 -7.13 17.91 -6.18
CA PRO A 106 -8.18 18.30 -5.24
C PRO A 106 -9.18 19.22 -5.92
N TYR A 107 -10.06 18.61 -6.72
CA TYR A 107 -10.97 19.36 -7.56
C TYR A 107 -12.06 20.04 -6.75
N ARG A 108 -12.51 19.42 -5.65
CA ARG A 108 -13.52 20.04 -4.80
C ARG A 108 -12.96 21.30 -4.16
N ALA A 109 -11.68 21.28 -3.79
CA ALA A 109 -11.05 22.46 -3.22
C ALA A 109 -10.98 23.56 -4.25
N LEU A 110 -10.69 23.21 -5.51
CA LEU A 110 -10.68 24.22 -6.56
C LEU A 110 -12.08 24.81 -6.76
N MET A 111 -13.10 23.97 -6.72
CA MET A 111 -14.47 24.45 -6.91
C MET A 111 -14.87 25.36 -5.74
N ALA A 112 -14.20 25.21 -4.60
CA ALA A 112 -14.42 26.07 -3.44
C ALA A 112 -13.45 27.25 -3.41
N GLY A 113 -12.75 27.49 -4.51
CA GLY A 113 -11.96 28.70 -4.67
C GLY A 113 -10.52 28.57 -4.23
N ASN A 114 -10.08 27.37 -3.84
CA ASN A 114 -8.72 27.19 -3.36
C ASN A 114 -7.87 26.59 -4.48
N GLU A 115 -7.14 27.45 -5.19
CA GLU A 115 -6.24 27.05 -6.23
C GLU A 115 -4.92 26.58 -5.66
N GLN A 116 -4.51 27.18 -4.53
CA GLN A 116 -3.18 26.97 -4.01
C GLN A 116 -3.00 25.51 -3.59
N VAL A 117 -4.01 24.90 -2.98
CA VAL A 117 -3.82 23.57 -2.44
C VAL A 117 -3.58 22.58 -3.59
N GLY A 118 -4.27 22.76 -4.70
CA GLY A 118 -4.05 21.92 -5.89
C GLY A 118 -2.61 22.02 -6.39
N PHE A 119 -2.10 23.25 -6.46
CA PHE A 119 -0.73 23.49 -6.87
C PHE A 119 0.21 22.75 -5.91
N ASP A 120 -0.01 22.96 -4.61
CA ASP A 120 0.88 22.42 -3.60
C ASP A 120 0.83 20.89 -3.59
N LEU A 121 -0.38 20.33 -3.74
CA LEU A 121 -0.53 18.88 -3.72
C LEU A 121 0.19 18.26 -4.93
N VAL A 122 -0.06 18.80 -6.13
CA VAL A 122 0.57 18.26 -7.32
C VAL A 122 2.08 18.40 -7.20
N LYS A 123 2.53 19.57 -6.75
CA LYS A 123 3.97 19.83 -6.71
C LYS A 123 4.65 18.86 -5.75
N ALA A 124 4.06 18.64 -4.57
CA ALA A 124 4.66 17.73 -3.59
C ALA A 124 4.79 16.31 -4.19
N CYS A 125 3.71 15.85 -4.84
CA CYS A 125 3.72 14.54 -5.47
C CYS A 125 4.74 14.49 -6.62
N LYS A 126 4.81 15.54 -7.44
CA LYS A 126 5.76 15.58 -8.53
C LYS A 126 7.20 15.53 -8.02
N GLU A 127 7.48 16.24 -6.92
CA GLU A 127 8.84 16.24 -6.40
C GLU A 127 9.27 14.83 -6.03
N ALA A 128 8.36 14.08 -5.39
CA ALA A 128 8.64 12.72 -4.99
C ALA A 128 8.85 11.85 -6.22
N CYS A 129 7.94 11.96 -7.19
CA CYS A 129 8.03 11.17 -8.39
C CYS A 129 9.34 11.45 -9.15
N ALA A 130 9.64 12.73 -9.33
CA ALA A 130 10.79 13.11 -10.14
C ALA A 130 12.08 12.57 -9.53
N ALA A 131 12.16 12.56 -8.22
CA ALA A 131 13.32 12.05 -7.51
C ALA A 131 13.55 10.56 -7.83
N ALA A 132 12.48 9.82 -8.18
CA ALA A 132 12.56 8.40 -8.43
C ALA A 132 12.41 8.08 -9.91
N ASN A 133 12.42 9.09 -10.79
CA ASN A 133 12.22 8.92 -12.23
C ASN A 133 10.88 8.27 -12.54
N VAL A 134 9.85 8.69 -11.80
CA VAL A 134 8.49 8.20 -11.97
C VAL A 134 7.67 9.31 -12.58
N LEU A 135 6.82 8.96 -13.56
CA LEU A 135 5.97 9.93 -14.20
C LEU A 135 4.73 10.19 -13.33
N LEU A 136 4.32 11.45 -13.28
CA LEU A 136 3.10 11.82 -12.57
C LEU A 136 2.02 12.27 -13.53
N LYS A 137 0.88 11.58 -13.47
CA LYS A 137 -0.31 11.99 -14.18
C LYS A 137 -1.23 12.62 -13.13
N VAL A 138 -1.93 13.67 -13.54
CA VAL A 138 -2.87 14.30 -12.60
C VAL A 138 -4.28 14.18 -13.16
N ILE A 139 -5.15 13.55 -12.39
CA ILE A 139 -6.56 13.40 -12.72
C ILE A 139 -7.33 14.63 -12.24
N ILE A 140 -7.97 15.39 -13.15
CA ILE A 140 -8.66 16.60 -12.71
C ILE A 140 -10.16 16.39 -12.50
N GLU A 141 -10.72 15.26 -12.97
CA GLU A 141 -12.13 14.90 -12.80
C GLU A 141 -13.05 15.90 -13.52
N THR A 142 -12.93 15.90 -14.84
CA THR A 142 -13.64 16.86 -15.68
C THR A 142 -15.16 16.71 -15.50
N GLY A 143 -15.62 15.49 -15.21
CA GLY A 143 -17.04 15.21 -15.05
C GLY A 143 -17.63 15.81 -13.77
N GLU A 144 -16.78 16.17 -12.80
CA GLU A 144 -17.21 16.87 -11.60
C GLU A 144 -17.00 18.38 -11.73
N LEU A 145 -15.90 18.81 -12.37
CA LEU A 145 -15.66 20.21 -12.65
C LEU A 145 -16.76 20.78 -13.57
N LYS A 146 -17.06 20.06 -14.65
CA LYS A 146 -18.13 20.35 -15.61
C LYS A 146 -17.86 21.59 -16.45
N ASP A 147 -17.49 22.68 -15.81
CA ASP A 147 -17.33 23.95 -16.44
C ASP A 147 -16.00 24.03 -17.18
N GLU A 148 -16.05 24.55 -18.41
CA GLU A 148 -14.86 24.72 -19.24
C GLU A 148 -13.78 25.52 -18.49
N ALA A 149 -14.16 26.63 -17.84
CA ALA A 149 -13.20 27.49 -17.17
C ALA A 149 -12.49 26.71 -16.05
N LEU A 150 -13.25 25.92 -15.30
CA LEU A 150 -12.65 25.14 -14.22
C LEU A 150 -11.77 24.01 -14.76
N ILE A 151 -12.15 23.40 -15.89
CA ILE A 151 -11.31 22.36 -16.47
C ILE A 151 -9.99 22.97 -16.93
N ARG A 152 -10.05 24.16 -17.55
CA ARG A 152 -8.81 24.84 -17.94
C ARG A 152 -7.95 25.17 -16.74
N LYS A 153 -8.59 25.67 -15.68
CA LYS A 153 -7.86 26.13 -14.51
C LYS A 153 -7.17 24.95 -13.84
N ALA A 154 -7.89 23.83 -13.68
CA ALA A 154 -7.28 22.65 -13.05
C ALA A 154 -6.09 22.15 -13.87
N SER A 155 -6.28 22.15 -15.21
CA SER A 155 -5.24 21.75 -16.14
C SER A 155 -4.02 22.66 -16.01
N GLU A 156 -4.26 23.98 -15.99
CA GLU A 156 -3.17 24.96 -15.88
C GLU A 156 -2.38 24.80 -14.57
N ILE A 157 -3.10 24.68 -13.47
CA ILE A 157 -2.47 24.55 -12.16
C ILE A 157 -1.61 23.29 -12.15
N SER A 158 -2.19 22.18 -12.61
CA SER A 158 -1.49 20.90 -12.65
C SER A 158 -0.19 21.01 -13.45
N ILE A 159 -0.26 21.61 -14.63
CA ILE A 159 0.91 21.77 -15.46
C ILE A 159 1.95 22.66 -14.78
N LYS A 160 1.50 23.80 -14.22
CA LYS A 160 2.43 24.69 -13.52
C LYS A 160 3.13 23.97 -12.37
N ALA A 161 2.41 23.08 -11.69
CA ALA A 161 2.99 22.34 -10.57
C ALA A 161 3.90 21.18 -10.99
N GLY A 162 3.93 20.85 -12.29
CA GLY A 162 4.88 19.91 -12.85
C GLY A 162 4.26 18.59 -13.29
N ALA A 163 2.94 18.52 -13.46
CA ALA A 163 2.34 17.31 -14.03
C ALA A 163 3.03 16.87 -15.33
N ASP A 164 3.27 15.57 -15.46
CA ASP A 164 3.82 15.02 -16.70
C ASP A 164 2.70 14.65 -17.67
N PHE A 165 1.51 14.43 -17.14
CA PHE A 165 0.28 14.18 -17.88
C PHE A 165 -0.90 14.82 -17.14
N ILE A 166 -1.89 15.27 -17.92
CA ILE A 166 -3.18 15.59 -17.34
C ILE A 166 -4.19 14.57 -17.88
N LYS A 167 -5.02 14.10 -16.95
CA LYS A 167 -5.89 12.97 -17.19
C LYS A 167 -7.33 13.40 -16.89
N THR A 168 -8.30 12.95 -17.70
CA THR A 168 -9.64 13.49 -17.55
C THR A 168 -10.27 13.08 -16.21
N SER A 169 -10.18 11.80 -15.85
CA SER A 169 -11.17 11.22 -14.97
C SER A 169 -10.62 10.06 -14.14
N THR A 170 -11.34 9.76 -13.04
CA THR A 170 -11.03 8.57 -12.27
C THR A 170 -11.66 7.32 -12.85
N GLY A 171 -12.75 7.47 -13.62
CA GLY A 171 -13.56 6.34 -13.99
C GLY A 171 -14.54 5.95 -12.90
N ARG A 172 -14.59 6.71 -11.78
CA ARG A 172 -15.38 6.31 -10.63
C ARG A 172 -16.55 7.23 -10.37
N VAL A 173 -16.78 8.21 -11.25
CA VAL A 173 -17.90 9.13 -11.12
C VAL A 173 -18.82 8.93 -12.32
N ALA A 174 -19.99 9.58 -12.30
CA ALA A 174 -21.01 9.36 -13.30
C ALA A 174 -20.54 9.75 -14.70
N VAL A 175 -19.78 10.86 -14.79
CA VAL A 175 -19.39 11.38 -16.07
C VAL A 175 -17.87 11.39 -16.11
N ASN A 176 -17.30 10.72 -17.11
CA ASN A 176 -15.85 10.64 -17.29
C ASN A 176 -15.52 11.47 -18.53
N ALA A 177 -14.62 11.02 -19.39
CA ALA A 177 -14.18 11.84 -20.49
C ALA A 177 -15.35 12.12 -21.43
N THR A 178 -15.28 13.30 -22.06
CA THR A 178 -16.04 13.58 -23.27
C THR A 178 -15.06 14.14 -24.28
N PRO A 179 -15.43 14.15 -25.59
CA PRO A 179 -14.58 14.77 -26.58
C PRO A 179 -14.31 16.24 -26.28
N GLU A 180 -15.32 16.95 -25.76
CA GLU A 180 -15.13 18.36 -25.48
CA GLU A 180 -15.18 18.36 -25.44
C GLU A 180 -14.15 18.54 -24.32
N SER A 181 -14.24 17.73 -23.26
CA SER A 181 -13.29 17.93 -22.18
C SER A 181 -11.87 17.54 -22.61
N ALA A 182 -11.75 16.55 -23.51
CA ALA A 182 -10.47 16.18 -24.09
C ALA A 182 -9.88 17.36 -24.88
N ARG A 183 -10.70 17.99 -25.72
CA ARG A 183 -10.27 19.11 -26.53
C ARG A 183 -9.79 20.26 -25.64
N ILE A 184 -10.57 20.56 -24.61
CA ILE A 184 -10.22 21.68 -23.73
C ILE A 184 -8.87 21.41 -23.09
N MET A 185 -8.69 20.18 -22.57
CA MET A 185 -7.43 19.91 -21.87
C MET A 185 -6.24 19.96 -22.84
N MET A 186 -6.40 19.43 -24.04
CA MET A 186 -5.29 19.46 -24.99
C MET A 186 -5.02 20.89 -25.47
N GLU A 187 -6.06 21.70 -25.55
CA GLU A 187 -5.87 23.11 -25.88
C GLU A 187 -5.04 23.80 -24.81
N VAL A 188 -5.25 23.44 -23.54
CA VAL A 188 -4.42 24.04 -22.48
C VAL A 188 -2.96 23.68 -22.71
N ILE A 189 -2.69 22.40 -22.96
CA ILE A 189 -1.32 21.96 -23.22
C ILE A 189 -0.70 22.78 -24.35
N ARG A 190 -1.46 22.92 -25.44
CA ARG A 190 -1.01 23.68 -26.58
C ARG A 190 -0.78 25.15 -26.20
N ASP A 191 -1.79 25.78 -25.58
CA ASP A 191 -1.76 27.21 -25.29
C ASP A 191 -0.62 27.54 -24.34
N MET A 192 -0.28 26.59 -23.44
CA MET A 192 0.77 26.84 -22.48
C MET A 192 2.14 26.56 -23.07
N GLY A 193 2.20 25.93 -24.25
CA GLY A 193 3.48 25.69 -24.89
C GLY A 193 4.20 24.48 -24.32
N VAL A 194 3.45 23.55 -23.70
CA VAL A 194 4.09 22.47 -22.94
C VAL A 194 3.87 21.11 -23.60
N GLU A 195 3.58 21.08 -24.92
CA GLU A 195 3.26 19.84 -25.60
C GLU A 195 4.45 18.89 -25.63
N LYS A 196 5.67 19.41 -25.46
CA LYS A 196 6.83 18.53 -25.41
C LYS A 196 6.85 17.73 -24.12
N SER A 197 6.40 18.32 -23.01
CA SER A 197 6.64 17.79 -21.67
C SER A 197 5.38 17.26 -21.02
N VAL A 198 4.18 17.55 -21.56
CA VAL A 198 2.94 17.17 -20.89
C VAL A 198 2.08 16.35 -21.82
N GLY A 199 1.67 15.18 -21.35
CA GLY A 199 0.76 14.32 -22.10
C GLY A 199 -0.69 14.48 -21.64
N PHE A 200 -1.57 13.82 -22.39
CA PHE A 200 -2.99 13.78 -22.13
C PHE A 200 -3.46 12.33 -22.02
N LYS A 201 -4.28 12.05 -21.00
CA LYS A 201 -4.88 10.74 -20.87
C LYS A 201 -6.39 10.86 -20.79
N VAL A 202 -7.04 10.07 -21.65
CA VAL A 202 -8.50 9.94 -21.67
C VAL A 202 -8.91 8.73 -20.84
N THR A 203 -9.76 8.95 -19.83
CA THR A 203 -10.30 7.87 -19.03
C THR A 203 -11.82 7.90 -19.13
N GLY A 204 -12.38 6.75 -19.49
CA GLY A 204 -13.80 6.59 -19.70
C GLY A 204 -14.24 7.28 -20.99
N GLY A 205 -15.52 7.11 -21.34
CA GLY A 205 -16.10 7.72 -22.53
C GLY A 205 -15.50 7.21 -23.86
N VAL A 206 -14.76 6.09 -23.84
CA VAL A 206 -14.12 5.57 -25.04
C VAL A 206 -14.38 4.07 -25.11
N SER A 207 -15.60 3.70 -25.51
CA SER A 207 -16.08 2.32 -25.50
C SER A 207 -15.53 1.54 -26.68
N THR A 208 -15.43 2.20 -27.83
CA THR A 208 -15.24 1.52 -29.10
C THR A 208 -13.99 2.05 -29.79
N ALA A 209 -13.55 1.26 -30.75
CA ALA A 209 -12.50 1.65 -31.68
C ALA A 209 -12.83 2.98 -32.34
N GLU A 210 -14.09 3.18 -32.75
CA GLU A 210 -14.48 4.41 -33.41
C GLU A 210 -14.31 5.62 -32.47
N ASP A 211 -14.68 5.43 -31.21
CA ASP A 211 -14.45 6.46 -30.21
C ASP A 211 -12.96 6.76 -30.09
N ALA A 212 -12.13 5.71 -30.02
CA ALA A 212 -10.70 5.95 -29.85
C ALA A 212 -10.14 6.77 -31.02
N GLN A 213 -10.59 6.46 -32.24
CA GLN A 213 -10.16 7.19 -33.41
C GLN A 213 -10.50 8.68 -33.27
N LYS A 214 -11.69 9.01 -32.76
CA LYS A 214 -12.12 10.39 -32.63
C LYS A 214 -11.22 11.12 -31.63
N TYR A 215 -10.92 10.46 -30.50
CA TYR A 215 -10.08 11.09 -29.49
C TYR A 215 -8.66 11.30 -30.03
N LEU A 216 -8.12 10.34 -30.77
CA LEU A 216 -6.81 10.53 -31.38
C LEU A 216 -6.82 11.65 -32.41
N ALA A 217 -7.92 11.77 -33.15
CA ALA A 217 -8.01 12.78 -34.20
C ALA A 217 -7.90 14.18 -33.58
N ILE A 218 -8.41 14.37 -32.36
CA ILE A 218 -8.30 15.67 -31.71
C ILE A 218 -6.83 16.02 -31.52
N ALA A 219 -6.05 15.08 -30.99
CA ALA A 219 -4.63 15.30 -30.78
C ALA A 219 -3.94 15.58 -32.12
N ASP A 220 -4.23 14.76 -33.12
CA ASP A 220 -3.62 14.93 -34.43
C ASP A 220 -3.91 16.31 -35.01
N GLU A 221 -5.14 16.80 -34.88
CA GLU A 221 -5.49 18.12 -35.38
C GLU A 221 -4.82 19.25 -34.61
N LEU A 222 -4.65 19.09 -33.29
CA LEU A 222 -4.08 20.15 -32.49
C LEU A 222 -2.56 20.21 -32.62
N PHE A 223 -1.91 19.03 -32.65
CA PHE A 223 -0.47 19.00 -32.49
C PHE A 223 0.25 18.46 -33.73
N GLY A 224 -0.46 17.77 -34.60
CA GLY A 224 0.16 16.98 -35.65
C GLY A 224 0.13 15.50 -35.26
N ALA A 225 0.20 14.66 -36.30
CA ALA A 225 -0.09 13.23 -36.14
C ALA A 225 1.02 12.48 -35.41
N ASP A 226 2.21 13.07 -35.26
CA ASP A 226 3.31 12.38 -34.59
C ASP A 226 3.33 12.62 -33.07
N TRP A 227 2.52 13.55 -32.58
CA TRP A 227 2.61 13.95 -31.18
C TRP A 227 2.21 12.82 -30.22
N ALA A 228 1.13 12.10 -30.54
CA ALA A 228 0.50 11.17 -29.61
C ALA A 228 1.22 9.83 -29.55
N ASP A 229 2.45 9.85 -29.04
CA ASP A 229 3.16 8.65 -28.66
C ASP A 229 2.84 8.33 -27.20
N ALA A 230 3.47 7.27 -26.68
CA ALA A 230 3.11 6.80 -25.35
C ALA A 230 3.53 7.79 -24.25
N ARG A 231 4.46 8.70 -24.54
CA ARG A 231 4.83 9.71 -23.56
C ARG A 231 3.80 10.85 -23.52
N HIS A 232 2.96 10.95 -24.56
CA HIS A 232 2.06 12.08 -24.68
C HIS A 232 0.58 11.75 -24.71
N TYR A 233 0.20 10.47 -24.85
CA TYR A 233 -1.20 10.14 -24.95
C TYR A 233 -1.43 8.74 -24.38
N ARG A 234 -2.51 8.60 -23.63
CA ARG A 234 -2.95 7.31 -23.12
C ARG A 234 -4.46 7.23 -23.12
N PHE A 235 -4.95 5.97 -23.13
CA PHE A 235 -6.35 5.66 -23.01
C PHE A 235 -6.54 4.66 -21.87
N SER A 236 -7.63 4.83 -21.11
CA SER A 236 -8.16 3.73 -20.32
C SER A 236 -9.69 3.77 -20.32
N ALA A 237 -10.32 2.63 -20.52
CA ALA A 237 -11.77 2.51 -20.50
C ALA A 237 -12.14 1.04 -20.46
N SER A 238 -13.17 0.70 -19.67
CA SER A 238 -13.82 -0.61 -19.71
C SER A 238 -14.23 -0.98 -21.12
N GLY A 239 -13.85 -2.18 -21.56
CA GLY A 239 -14.35 -2.72 -22.81
C GLY A 239 -13.52 -2.27 -24.02
N LEU A 240 -12.61 -1.29 -23.85
CA LEU A 240 -11.97 -0.72 -25.02
C LEU A 240 -11.03 -1.74 -25.67
N LEU A 241 -10.23 -2.46 -24.89
CA LEU A 241 -9.24 -3.36 -25.46
C LEU A 241 -9.94 -4.40 -26.35
N ALA A 242 -11.03 -4.96 -25.83
CA ALA A 242 -11.81 -5.95 -26.58
C ALA A 242 -12.32 -5.35 -27.89
N SER A 243 -12.77 -4.10 -27.85
CA SER A 243 -13.26 -3.46 -29.07
C SER A 243 -12.12 -3.23 -30.07
N LEU A 244 -10.95 -2.81 -29.56
CA LEU A 244 -9.81 -2.60 -30.44
C LEU A 244 -9.36 -3.93 -31.08
N LEU A 245 -9.32 -5.00 -30.28
CA LEU A 245 -8.87 -6.28 -30.78
C LEU A 245 -9.85 -6.80 -31.83
N LYS A 246 -11.15 -6.58 -31.60
CA LYS A 246 -12.19 -6.98 -32.55
C LYS A 246 -11.97 -6.27 -33.86
N ALA A 247 -11.75 -4.94 -33.82
CA ALA A 247 -11.49 -4.18 -35.03
C ALA A 247 -10.26 -4.70 -35.75
N LEU A 248 -9.30 -5.29 -35.02
CA LEU A 248 -8.06 -5.73 -35.62
C LEU A 248 -8.12 -7.18 -36.06
N GLY A 249 -9.25 -7.86 -35.82
CA GLY A 249 -9.45 -9.22 -36.29
C GLY A 249 -9.20 -10.27 -35.21
N HIS A 250 -9.08 -9.87 -33.94
CA HIS A 250 -8.98 -10.84 -32.87
C HIS A 250 -10.31 -10.89 -32.14
N ASP B 3 -1.95 -10.56 41.02
CA ASP B 3 -2.90 -9.42 40.93
C ASP B 3 -3.35 -9.28 39.47
N LEU B 4 -4.57 -9.70 39.21
CA LEU B 4 -5.10 -9.72 37.86
C LEU B 4 -5.29 -8.31 37.31
N LYS B 5 -5.68 -7.35 38.17
CA LYS B 5 -5.85 -5.97 37.72
C LYS B 5 -4.51 -5.39 37.25
N ALA B 6 -3.46 -5.66 38.03
CA ALA B 6 -2.14 -5.12 37.70
C ALA B 6 -1.62 -5.75 36.41
N SER B 7 -1.83 -7.08 36.25
CA SER B 7 -1.39 -7.72 35.01
C SER B 7 -2.21 -7.22 33.82
N SER B 8 -3.51 -6.98 34.02
CA SER B 8 -4.37 -6.53 32.94
C SER B 8 -3.99 -5.14 32.44
N LEU B 9 -3.68 -4.23 33.36
CA LEU B 9 -3.25 -2.90 32.97
C LEU B 9 -1.95 -2.98 32.19
N ARG B 10 -1.05 -3.82 32.68
CA ARG B 10 0.23 -4.01 32.04
C ARG B 10 0.04 -4.53 30.62
N ALA B 11 -0.79 -5.57 30.45
CA ALA B 11 -1.04 -6.18 29.14
C ALA B 11 -1.69 -5.17 28.18
N LEU B 12 -2.63 -4.36 28.70
CA LEU B 12 -3.32 -3.42 27.84
C LEU B 12 -2.32 -2.46 27.20
N LYS B 13 -1.34 -2.01 27.98
CA LYS B 13 -0.39 -1.02 27.52
C LYS B 13 0.68 -1.66 26.62
N LEU B 14 0.63 -3.00 26.49
CA LEU B 14 1.50 -3.73 25.58
C LEU B 14 0.77 -4.22 24.33
N MET B 15 -0.48 -3.79 24.14
CA MET B 15 -1.27 -4.32 23.03
C MET B 15 -0.95 -3.62 21.70
N ASP B 16 -0.86 -4.41 20.63
CA ASP B 16 -0.97 -3.92 19.27
C ASP B 16 -2.42 -4.18 18.87
N LEU B 17 -3.25 -3.15 18.93
CA LEU B 17 -4.68 -3.35 18.77
C LEU B 17 -5.05 -3.42 17.28
N SER B 18 -5.77 -4.46 16.84
CA SER B 18 -6.22 -4.52 15.44
CA SER B 18 -6.23 -4.48 15.45
C SER B 18 -7.75 -4.61 15.40
N THR B 19 -8.34 -4.28 14.24
CA THR B 19 -9.79 -4.28 14.09
C THR B 19 -10.28 -5.71 14.23
N GLY B 22 -10.39 -7.01 9.80
CA GLY B 22 -9.42 -6.13 9.12
C GLY B 22 -10.06 -4.79 8.76
N ASP B 23 -9.20 -3.81 8.49
CA ASP B 23 -9.57 -2.45 8.15
C ASP B 23 -9.70 -2.29 6.63
N TYR B 24 -10.92 -2.09 6.13
CA TYR B 24 -11.15 -1.88 4.70
C TYR B 24 -11.86 -0.55 4.46
N THR B 25 -12.25 0.09 5.56
CA THR B 25 -12.90 1.37 5.47
C THR B 25 -12.23 2.30 6.46
N ASP B 26 -12.29 3.58 6.13
CA ASP B 26 -11.76 4.62 6.98
C ASP B 26 -12.49 4.57 8.32
N GLU B 27 -13.80 4.32 8.28
CA GLU B 27 -14.60 4.29 9.49
C GLU B 27 -14.04 3.26 10.48
N LYS B 28 -13.67 2.08 9.98
CA LYS B 28 -13.13 1.04 10.84
C LYS B 28 -11.78 1.45 11.42
N VAL B 29 -10.94 2.11 10.59
CA VAL B 29 -9.62 2.51 11.06
C VAL B 29 -9.75 3.60 12.15
N ILE B 30 -10.64 4.55 11.90
CA ILE B 30 -10.87 5.65 12.82
C ILE B 30 -11.38 5.09 14.15
N ALA B 31 -12.32 4.13 14.09
CA ALA B 31 -12.87 3.51 15.28
C ALA B 31 -11.77 2.77 16.05
N LEU B 32 -10.89 2.09 15.32
CA LEU B 32 -9.77 1.38 15.95
C LEU B 32 -8.91 2.37 16.73
N CYS B 33 -8.58 3.50 16.10
CA CYS B 33 -7.78 4.51 16.77
C CYS B 33 -8.48 4.97 18.05
N HIS B 34 -9.80 5.22 17.98
CA HIS B 34 -10.56 5.61 19.16
C HIS B 34 -10.48 4.55 20.26
N GLN B 35 -10.59 3.28 19.88
CA GLN B 35 -10.61 2.19 20.83
C GLN B 35 -9.27 2.05 21.56
N ALA B 36 -8.20 2.40 20.88
CA ALA B 36 -6.84 2.29 21.42
C ALA B 36 -6.64 3.30 22.56
N LYS B 37 -7.41 4.39 22.58
CA LYS B 37 -7.33 5.38 23.65
C LYS B 37 -8.36 4.99 24.70
N THR B 38 -7.96 4.11 25.61
CA THR B 38 -8.92 3.51 26.51
C THR B 38 -9.00 4.36 27.79
N PRO B 39 -10.02 4.11 28.62
CA PRO B 39 -10.15 4.83 29.88
C PRO B 39 -9.01 4.66 30.88
N VAL B 40 -8.20 3.59 30.72
CA VAL B 40 -7.16 3.29 31.66
C VAL B 40 -5.78 3.45 31.04
N GLY B 41 -5.73 3.96 29.81
CA GLY B 41 -4.45 4.17 29.14
C GLY B 41 -4.54 3.77 27.66
N ASN B 42 -3.44 4.06 26.97
CA ASN B 42 -3.36 3.79 25.54
C ASN B 42 -2.73 2.42 25.35
N THR B 43 -3.16 1.72 24.29
CA THR B 43 -2.43 0.54 23.85
C THR B 43 -1.06 1.00 23.34
N ALA B 44 -0.14 0.06 23.15
CA ALA B 44 1.19 0.38 22.64
C ALA B 44 1.11 0.87 21.20
N ALA B 45 0.23 0.20 20.43
CA ALA B 45 0.17 0.38 19.00
C ALA B 45 -1.24 0.06 18.51
N ILE B 46 -1.49 0.48 17.28
CA ILE B 46 -2.56 -0.10 16.50
C ILE B 46 -1.89 -0.77 15.30
N SER B 47 -2.58 -1.77 14.77
CA SER B 47 -2.11 -2.58 13.66
CA SER B 47 -2.09 -2.57 13.66
C SER B 47 -3.12 -2.48 12.54
N VAL B 48 -2.65 -2.02 11.36
CA VAL B 48 -3.53 -1.78 10.23
C VAL B 48 -2.81 -2.23 8.97
N TYR B 49 -3.55 -2.34 7.87
CA TYR B 49 -2.93 -2.59 6.58
C TYR B 49 -2.21 -1.33 6.12
N PRO B 50 -1.15 -1.48 5.29
CA PRO B 50 -0.33 -0.31 4.95
C PRO B 50 -1.11 0.88 4.42
N ARG B 51 -2.09 0.63 3.56
CA ARG B 51 -2.82 1.73 2.95
C ARG B 51 -3.61 2.57 3.96
N SER B 52 -3.82 2.06 5.18
CA SER B 52 -4.59 2.71 6.22
C SER B 52 -3.71 3.57 7.12
N ILE B 53 -2.39 3.52 6.91
CA ILE B 53 -1.49 4.20 7.82
C ILE B 53 -1.74 5.71 7.81
N PRO B 54 -1.86 6.38 6.64
CA PRO B 54 -2.03 7.84 6.68
C PRO B 54 -3.26 8.33 7.43
N ILE B 55 -4.41 7.70 7.21
CA ILE B 55 -5.60 8.12 7.92
C ILE B 55 -5.54 7.75 9.40
N ALA B 56 -4.88 6.65 9.72
CA ALA B 56 -4.69 6.30 11.13
C ALA B 56 -3.81 7.36 11.83
N ARG B 57 -2.73 7.80 11.18
CA ARG B 57 -1.84 8.77 11.78
C ARG B 57 -2.59 10.08 12.02
N LYS B 58 -3.39 10.50 11.04
CA LYS B 58 -4.16 11.72 11.19
C LYS B 58 -5.09 11.61 12.39
N THR B 59 -5.76 10.45 12.53
CA THR B 59 -6.72 10.25 13.58
C THR B 59 -6.02 10.25 14.93
N LEU B 60 -4.91 9.50 15.06
CA LEU B 60 -4.18 9.49 16.32
C LEU B 60 -3.74 10.90 16.74
N LYS B 61 -3.23 11.69 15.79
CA LYS B 61 -2.85 13.06 16.07
C LYS B 61 -4.05 13.89 16.54
N GLU B 62 -5.18 13.77 15.83
CA GLU B 62 -6.35 14.58 16.13
C GLU B 62 -6.92 14.26 17.51
N GLN B 63 -6.84 13.02 17.96
CA GLN B 63 -7.37 12.67 19.28
C GLN B 63 -6.33 12.84 20.39
N GLY B 64 -5.16 13.38 20.08
CA GLY B 64 -4.17 13.70 21.09
C GLY B 64 -3.40 12.48 21.59
N THR B 65 -3.28 11.42 20.76
CA THR B 65 -2.48 10.25 21.14
C THR B 65 -1.43 9.96 20.07
N PRO B 66 -0.53 10.94 19.78
CA PRO B 66 0.51 10.77 18.77
C PRO B 66 1.59 9.75 19.09
N GLU B 67 1.67 9.32 20.35
CA GLU B 67 2.66 8.35 20.77
C GLU B 67 2.17 6.92 20.60
N ILE B 68 0.90 6.70 20.27
CA ILE B 68 0.47 5.34 19.92
C ILE B 68 1.15 4.99 18.59
N ARG B 69 1.84 3.84 18.55
CA ARG B 69 2.60 3.46 17.38
C ARG B 69 1.66 2.89 16.33
N ILE B 70 2.06 3.03 15.06
CA ILE B 70 1.34 2.40 13.98
C ILE B 70 2.18 1.23 13.44
N ALA B 71 1.68 0.01 13.67
CA ALA B 71 2.29 -1.19 13.11
C ALA B 71 1.50 -1.68 11.91
N THR B 72 2.17 -2.34 10.98
CA THR B 72 1.51 -2.92 9.83
C THR B 72 2.16 -4.26 9.52
N VAL B 73 1.71 -4.87 8.41
CA VAL B 73 2.10 -6.24 8.11
C VAL B 73 2.56 -6.26 6.64
N THR B 74 3.61 -7.05 6.36
CA THR B 74 4.07 -7.30 5.01
C THR B 74 4.42 -8.80 4.85
N ASN B 75 4.51 -9.19 3.56
CA ASN B 75 4.64 -10.59 3.18
C ASN B 75 3.54 -11.43 3.80
N PHE B 76 2.33 -10.84 3.87
CA PHE B 76 1.33 -11.32 4.82
C PHE B 76 0.02 -11.70 4.15
N PRO B 77 -0.70 -12.75 4.60
CA PRO B 77 -0.24 -13.64 5.67
C PRO B 77 0.57 -14.86 5.24
N HIS B 78 0.89 -14.92 3.95
CA HIS B 78 1.36 -16.14 3.30
C HIS B 78 2.79 -16.55 3.68
N GLY B 79 3.66 -15.58 4.00
CA GLY B 79 5.06 -15.91 4.26
C GLY B 79 5.71 -16.56 3.02
N ASN B 80 5.42 -16.03 1.84
CA ASN B 80 6.07 -16.48 0.62
C ASN B 80 7.56 -16.16 0.68
N ASP B 81 8.33 -16.80 -0.21
CA ASP B 81 9.78 -16.68 -0.17
C ASP B 81 10.33 -15.83 -1.30
N ASP B 82 9.53 -14.87 -1.79
CA ASP B 82 10.00 -13.91 -2.76
C ASP B 82 10.47 -12.65 -2.04
N ILE B 83 11.79 -12.51 -1.95
CA ILE B 83 12.39 -11.44 -1.17
C ILE B 83 12.03 -10.09 -1.76
N GLU B 84 12.07 -9.97 -3.09
CA GLU B 84 11.82 -8.68 -3.73
C GLU B 84 10.41 -8.21 -3.44
N ILE B 85 9.43 -9.12 -3.42
CA ILE B 85 8.08 -8.71 -3.08
C ILE B 85 7.97 -8.28 -1.62
N ALA B 86 8.51 -9.11 -0.70
CA ALA B 86 8.46 -8.75 0.70
C ALA B 86 9.14 -7.41 0.95
N LEU B 87 10.28 -7.16 0.30
CA LEU B 87 11.00 -5.92 0.48
C LEU B 87 10.23 -4.73 -0.08
N ALA B 88 9.64 -4.89 -1.27
CA ALA B 88 8.86 -3.81 -1.86
C ALA B 88 7.70 -3.41 -0.93
N GLU B 89 7.00 -4.41 -0.39
CA GLU B 89 5.90 -4.18 0.53
C GLU B 89 6.40 -3.48 1.79
N THR B 90 7.56 -3.89 2.29
CA THR B 90 8.12 -3.30 3.49
C THR B 90 8.51 -1.82 3.23
N ARG B 91 9.14 -1.56 2.08
CA ARG B 91 9.47 -0.19 1.70
C ARG B 91 8.21 0.67 1.61
N ALA B 92 7.14 0.12 1.03
CA ALA B 92 5.90 0.86 0.89
C ALA B 92 5.32 1.16 2.27
N ALA B 93 5.32 0.15 3.15
CA ALA B 93 4.83 0.37 4.51
C ALA B 93 5.56 1.52 5.19
N ILE B 94 6.88 1.53 5.04
CA ILE B 94 7.71 2.60 5.59
C ILE B 94 7.29 3.95 5.00
N ALA B 95 7.13 3.98 3.68
CA ALA B 95 6.80 5.22 2.98
C ALA B 95 5.41 5.72 3.38
N TYR B 96 4.49 4.82 3.66
CA TYR B 96 3.18 5.24 4.11
C TYR B 96 3.24 5.90 5.50
N GLY B 97 4.27 5.58 6.29
CA GLY B 97 4.52 6.17 7.60
C GLY B 97 4.49 5.16 8.75
N ALA B 98 4.70 3.86 8.49
CA ALA B 98 4.67 2.90 9.59
C ALA B 98 5.72 3.24 10.63
N ASP B 99 5.41 2.98 11.91
CA ASP B 99 6.42 2.95 12.97
C ASP B 99 7.06 1.58 13.08
N GLU B 100 6.29 0.54 12.73
CA GLU B 100 6.70 -0.85 12.88
C GLU B 100 6.13 -1.66 11.74
N VAL B 101 6.91 -2.62 11.27
CA VAL B 101 6.49 -3.54 10.25
C VAL B 101 6.62 -4.95 10.79
N ASP B 102 5.53 -5.72 10.71
CA ASP B 102 5.53 -7.13 11.08
C ASP B 102 5.56 -7.92 9.77
N VAL B 103 6.72 -8.50 9.44
CA VAL B 103 6.86 -9.28 8.22
C VAL B 103 6.70 -10.78 8.51
N VAL B 104 6.10 -11.53 7.58
CA VAL B 104 5.97 -12.96 7.77
C VAL B 104 7.24 -13.64 7.21
N PHE B 105 7.90 -14.41 8.09
CA PHE B 105 9.02 -15.23 7.73
C PHE B 105 8.62 -16.30 6.73
N PRO B 106 9.52 -16.68 5.81
CA PRO B 106 9.19 -17.73 4.85
C PRO B 106 9.31 -19.09 5.53
N TYR B 107 8.26 -19.43 6.27
CA TYR B 107 8.28 -20.61 7.12
C TYR B 107 8.17 -21.89 6.28
N ARG B 108 7.43 -21.86 5.17
CA ARG B 108 7.32 -23.03 4.32
C ARG B 108 8.68 -23.34 3.70
N ALA B 109 9.45 -22.29 3.35
CA ALA B 109 10.78 -22.50 2.79
C ALA B 109 11.69 -23.15 3.83
N LEU B 110 11.57 -22.73 5.09
CA LEU B 110 12.36 -23.34 6.16
C LEU B 110 11.97 -24.80 6.36
N MET B 111 10.67 -25.11 6.28
CA MET B 111 10.22 -26.48 6.44
C MET B 111 10.72 -27.35 5.28
N ALA B 112 11.04 -26.73 4.15
CA ALA B 112 11.62 -27.40 2.99
C ALA B 112 13.15 -27.35 3.02
N GLY B 113 13.73 -26.93 4.15
CA GLY B 113 15.16 -27.01 4.37
C GLY B 113 15.95 -25.81 3.88
N ASN B 114 15.27 -24.72 3.47
CA ASN B 114 15.97 -23.52 3.03
C ASN B 114 15.98 -22.50 4.17
N GLU B 115 17.09 -22.47 4.90
CA GLU B 115 17.30 -21.52 5.98
C GLU B 115 17.73 -20.18 5.39
N GLN B 116 18.44 -20.21 4.27
CA GLN B 116 19.13 -19.04 3.78
C GLN B 116 18.11 -17.99 3.33
N VAL B 117 17.01 -18.41 2.71
CA VAL B 117 16.09 -17.43 2.18
C VAL B 117 15.42 -16.66 3.34
N GLY B 118 15.14 -17.35 4.45
CA GLY B 118 14.59 -16.69 5.64
C GLY B 118 15.53 -15.61 6.17
N PHE B 119 16.82 -15.96 6.21
CA PHE B 119 17.82 -15.03 6.67
C PHE B 119 17.83 -13.81 5.74
N ASP B 120 17.90 -14.08 4.44
CA ASP B 120 18.02 -13.02 3.46
C ASP B 120 16.78 -12.14 3.44
N LEU B 121 15.61 -12.75 3.55
CA LEU B 121 14.37 -11.98 3.50
C LEU B 121 14.29 -11.06 4.71
N VAL B 122 14.54 -11.60 5.92
CA VAL B 122 14.46 -10.79 7.11
C VAL B 122 15.49 -9.69 7.04
N LYS B 123 16.71 -10.03 6.61
CA LYS B 123 17.78 -9.04 6.62
C LYS B 123 17.45 -7.89 5.67
N ALA B 124 16.92 -8.22 4.48
CA ALA B 124 16.57 -7.17 3.53
C ALA B 124 15.54 -6.22 4.15
N CYS B 125 14.49 -6.80 4.75
CA CYS B 125 13.44 -6.00 5.37
C CYS B 125 13.96 -5.21 6.56
N LYS B 126 14.83 -5.81 7.37
CA LYS B 126 15.43 -5.12 8.50
C LYS B 126 16.24 -3.91 8.01
N GLU B 127 16.99 -4.07 6.94
CA GLU B 127 17.83 -3.00 6.46
C GLU B 127 16.97 -1.81 6.06
N ALA B 128 15.84 -2.10 5.40
CA ALA B 128 14.96 -1.03 4.97
C ALA B 128 14.37 -0.34 6.19
N CYS B 129 13.89 -1.12 7.15
CA CYS B 129 13.30 -0.59 8.36
C CYS B 129 14.32 0.24 9.15
N ALA B 130 15.52 -0.31 9.33
CA ALA B 130 16.54 0.36 10.15
C ALA B 130 16.89 1.74 9.58
N ALA B 131 16.96 1.81 8.26
CA ALA B 131 17.26 3.07 7.58
C ALA B 131 16.22 4.15 7.89
N ALA B 132 14.99 3.77 8.25
CA ALA B 132 13.92 4.70 8.53
C ALA B 132 13.58 4.79 10.02
N ASN B 133 14.39 4.16 10.88
CA ASN B 133 14.10 4.07 12.32
C ASN B 133 12.75 3.41 12.59
N VAL B 134 12.46 2.36 11.82
CA VAL B 134 11.22 1.59 11.99
C VAL B 134 11.61 0.24 12.57
N LEU B 135 10.81 -0.24 13.52
CA LEU B 135 11.07 -1.54 14.11
C LEU B 135 10.53 -2.64 13.19
N LEU B 136 11.28 -3.75 13.14
CA LEU B 136 10.85 -4.92 12.40
C LEU B 136 10.50 -6.05 13.36
N LYS B 137 9.26 -6.52 13.26
CA LYS B 137 8.86 -7.75 13.92
C LYS B 137 8.83 -8.83 12.85
N VAL B 138 9.19 -10.04 13.25
CA VAL B 138 9.18 -11.14 12.31
C VAL B 138 8.21 -12.20 12.82
N ILE B 139 7.17 -12.46 12.01
CA ILE B 139 6.22 -13.50 12.32
C ILE B 139 6.73 -14.85 11.84
N ILE B 140 6.92 -15.82 12.73
CA ILE B 140 7.47 -17.11 12.31
C ILE B 140 6.39 -18.15 12.06
N GLU B 141 5.15 -17.92 12.50
CA GLU B 141 4.03 -18.82 12.31
C GLU B 141 4.26 -20.15 13.02
N THR B 142 4.32 -20.08 14.35
CA THR B 142 4.58 -21.24 15.17
C THR B 142 3.55 -22.34 14.93
N GLY B 143 2.31 -21.97 14.64
CA GLY B 143 1.26 -22.95 14.45
C GLY B 143 1.36 -23.73 13.15
N GLU B 144 2.18 -23.24 12.19
CA GLU B 144 2.50 -24.00 10.99
C GLU B 144 3.81 -24.78 11.15
N LEU B 145 4.82 -24.18 11.79
CA LEU B 145 6.08 -24.87 12.04
C LEU B 145 5.89 -26.08 12.95
N LYS B 146 5.14 -25.88 14.04
CA LYS B 146 4.68 -26.93 14.98
C LYS B 146 5.80 -27.51 15.84
N ASP B 147 6.86 -27.96 15.19
CA ASP B 147 7.95 -28.64 15.85
C ASP B 147 8.81 -27.63 16.62
N GLU B 148 9.17 -28.00 17.86
CA GLU B 148 9.99 -27.16 18.71
C GLU B 148 11.29 -26.76 18.00
N ALA B 149 11.98 -27.73 17.38
CA ALA B 149 13.23 -27.47 16.70
C ALA B 149 13.06 -26.43 15.58
N LEU B 150 11.95 -26.52 14.84
CA LEU B 150 11.72 -25.55 13.75
C LEU B 150 11.36 -24.17 14.30
N ILE B 151 10.62 -24.11 15.40
CA ILE B 151 10.32 -22.82 16.01
C ILE B 151 11.62 -22.17 16.50
N ARG B 152 12.50 -22.96 17.12
CA ARG B 152 13.78 -22.39 17.56
C ARG B 152 14.62 -21.90 16.39
N LYS B 153 14.66 -22.70 15.32
CA LYS B 153 15.47 -22.37 14.19
C LYS B 153 14.96 -21.08 13.52
N ALA B 154 13.66 -20.98 13.32
CA ALA B 154 13.10 -19.79 12.68
C ALA B 154 13.38 -18.55 13.54
N SER B 155 13.23 -18.71 14.85
CA SER B 155 13.53 -17.65 15.81
C SER B 155 14.99 -17.22 15.70
N GLU B 156 15.90 -18.21 15.68
CA GLU B 156 17.31 -17.94 15.61
C GLU B 156 17.71 -17.20 14.34
N ILE B 157 17.20 -17.70 13.20
CA ILE B 157 17.51 -17.09 11.91
C ILE B 157 17.03 -15.64 11.91
N SER B 158 15.79 -15.42 12.35
CA SER B 158 15.21 -14.09 12.41
C SER B 158 16.06 -13.14 13.25
N ILE B 159 16.51 -13.61 14.42
CA ILE B 159 17.32 -12.80 15.29
C ILE B 159 18.67 -12.50 14.63
N LYS B 160 19.31 -13.52 14.06
CA LYS B 160 20.59 -13.32 13.39
C LYS B 160 20.48 -12.32 12.25
N ALA B 161 19.34 -12.32 11.57
CA ALA B 161 19.13 -11.40 10.46
C ALA B 161 18.74 -9.98 10.89
N GLY B 162 18.51 -9.77 12.20
CA GLY B 162 18.34 -8.44 12.75
C GLY B 162 16.90 -8.14 13.23
N ALA B 163 16.03 -9.14 13.36
CA ALA B 163 14.69 -8.88 13.89
C ALA B 163 14.75 -8.10 15.20
N ASP B 164 13.84 -7.12 15.35
CA ASP B 164 13.70 -6.37 16.58
C ASP B 164 12.74 -7.05 17.54
N PHE B 165 11.82 -7.83 16.97
CA PHE B 165 10.87 -8.66 17.68
C PHE B 165 10.70 -9.96 16.91
N ILE B 166 10.45 -11.04 17.65
CA ILE B 166 9.92 -12.24 17.05
C ILE B 166 8.49 -12.41 17.55
N LYS B 167 7.61 -12.80 16.63
CA LYS B 167 6.17 -12.78 16.83
C LYS B 167 5.66 -14.17 16.49
N THR B 168 4.72 -14.70 17.27
CA THR B 168 4.32 -16.07 17.08
C THR B 168 3.63 -16.30 15.74
N SER B 169 2.66 -15.45 15.37
CA SER B 169 1.59 -15.88 14.49
C SER B 169 1.05 -14.72 13.66
N THR B 170 0.42 -15.09 12.52
CA THR B 170 -0.31 -14.11 11.73
C THR B 170 -1.71 -13.85 12.31
N GLY B 171 -2.27 -14.81 13.03
CA GLY B 171 -3.68 -14.77 13.38
C GLY B 171 -4.56 -15.31 12.26
N ARG B 172 -3.97 -15.80 11.15
CA ARG B 172 -4.77 -16.17 9.99
C ARG B 172 -4.72 -17.68 9.72
N VAL B 173 -4.11 -18.46 10.61
CA VAL B 173 -4.06 -19.91 10.49
C VAL B 173 -4.79 -20.48 11.70
N ALA B 174 -4.99 -21.79 11.69
CA ALA B 174 -5.79 -22.46 12.71
C ALA B 174 -5.13 -22.37 14.09
N VAL B 175 -3.81 -22.46 14.13
CA VAL B 175 -3.08 -22.51 15.38
C VAL B 175 -2.23 -21.26 15.50
N ASN B 176 -2.46 -20.48 16.56
CA ASN B 176 -1.69 -19.25 16.77
C ASN B 176 -0.83 -19.49 18.00
N ALA B 177 -0.66 -18.49 18.86
CA ALA B 177 0.24 -18.65 19.99
C ALA B 177 -0.30 -19.72 20.94
N THR B 178 0.63 -20.36 21.63
CA THR B 178 0.34 -21.13 22.83
C THR B 178 1.38 -20.75 23.87
N PRO B 179 1.13 -21.05 25.17
CA PRO B 179 2.14 -20.83 26.19
C PRO B 179 3.44 -21.52 25.85
N GLU B 180 3.36 -22.73 25.30
CA GLU B 180 4.56 -23.50 24.96
C GLU B 180 5.36 -22.82 23.85
N SER B 181 4.68 -22.36 22.80
CA SER B 181 5.45 -21.74 21.73
C SER B 181 6.01 -20.40 22.19
N ALA B 182 5.29 -19.68 23.04
CA ALA B 182 5.80 -18.44 23.63
C ALA B 182 7.05 -18.71 24.45
N ARG B 183 7.00 -19.75 25.30
CA ARG B 183 8.16 -20.11 26.11
C ARG B 183 9.36 -20.44 25.23
N ILE B 184 9.14 -21.28 24.19
CA ILE B 184 10.23 -21.67 23.31
C ILE B 184 10.88 -20.44 22.70
N MET B 185 10.06 -19.55 22.14
CA MET B 185 10.61 -18.36 21.52
C MET B 185 11.39 -17.47 22.49
N MET B 186 10.88 -17.26 23.69
CA MET B 186 11.57 -16.43 24.65
C MET B 186 12.84 -17.15 25.13
N GLU B 187 12.82 -18.47 25.21
CA GLU B 187 14.04 -19.20 25.54
C GLU B 187 15.12 -18.97 24.48
N VAL B 188 14.73 -18.88 23.21
CA VAL B 188 15.71 -18.59 22.18
C VAL B 188 16.35 -17.22 22.43
N ILE B 189 15.51 -16.23 22.70
CA ILE B 189 16.01 -14.89 23.01
C ILE B 189 17.04 -14.98 24.13
N ARG B 190 16.67 -15.69 25.21
CA ARG B 190 17.55 -15.82 26.35
C ARG B 190 18.84 -16.56 25.96
N ASP B 191 18.71 -17.70 25.29
CA ASP B 191 19.84 -18.56 24.95
C ASP B 191 20.79 -17.84 24.00
N MET B 192 20.27 -16.94 23.15
CA MET B 192 21.11 -16.20 22.23
C MET B 192 21.75 -15.00 22.91
N GLY B 193 21.23 -14.61 24.05
CA GLY B 193 21.75 -13.49 24.82
C GLY B 193 21.29 -12.15 24.28
N VAL B 194 20.13 -12.10 23.61
CA VAL B 194 19.74 -10.90 22.86
C VAL B 194 18.54 -10.18 23.50
N GLU B 195 18.25 -10.45 24.77
CA GLU B 195 17.06 -9.91 25.42
C GLU B 195 17.06 -8.38 25.49
N LYS B 196 18.22 -7.75 25.42
CA LYS B 196 18.27 -6.29 25.39
C LYS B 196 17.66 -5.74 24.09
N SER B 197 17.84 -6.44 22.97
CA SER B 197 17.58 -5.89 21.65
C SER B 197 16.37 -6.54 20.97
N VAL B 198 15.91 -7.68 21.49
CA VAL B 198 14.88 -8.43 20.80
C VAL B 198 13.68 -8.63 21.71
N GLY B 199 12.50 -8.24 21.21
CA GLY B 199 11.26 -8.40 21.90
C GLY B 199 10.49 -9.64 21.40
N PHE B 200 9.42 -9.93 22.14
CA PHE B 200 8.52 -11.04 21.85
C PHE B 200 7.10 -10.54 21.73
N LYS B 201 6.40 -11.01 20.69
CA LYS B 201 4.99 -10.69 20.55
C LYS B 201 4.15 -11.96 20.41
N VAL B 202 3.10 -11.99 21.24
CA VAL B 202 2.09 -13.03 21.27
CA VAL B 202 2.15 -13.09 21.18
C VAL B 202 0.92 -12.63 20.38
N THR B 203 0.60 -13.43 19.37
CA THR B 203 -0.57 -13.19 18.55
C THR B 203 -1.46 -14.40 18.59
N GLY B 204 -2.71 -14.13 18.97
CA GLY B 204 -3.72 -15.15 19.17
C GLY B 204 -3.42 -15.93 20.44
N GLY B 205 -4.33 -16.84 20.75
CA GLY B 205 -4.21 -17.67 21.92
C GLY B 205 -4.22 -16.91 23.25
N VAL B 206 -4.66 -15.64 23.27
CA VAL B 206 -4.70 -14.85 24.48
CA VAL B 206 -4.71 -14.88 24.49
C VAL B 206 -6.05 -14.13 24.52
N SER B 207 -7.10 -14.88 24.87
CA SER B 207 -8.47 -14.39 24.84
C SER B 207 -8.80 -13.55 26.05
N THR B 208 -8.22 -13.88 27.21
CA THR B 208 -8.69 -13.38 28.48
C THR B 208 -7.54 -12.73 29.23
N ALA B 209 -7.93 -11.91 30.20
CA ALA B 209 -7.00 -11.32 31.16
C ALA B 209 -6.15 -12.40 31.84
N GLU B 210 -6.79 -13.52 32.21
CA GLU B 210 -6.08 -14.62 32.85
C GLU B 210 -4.98 -15.19 31.94
N ASP B 211 -5.33 -15.35 30.66
CA ASP B 211 -4.35 -15.77 29.68
C ASP B 211 -3.19 -14.79 29.61
N ALA B 212 -3.50 -13.48 29.54
CA ALA B 212 -2.43 -12.49 29.42
C ALA B 212 -1.48 -12.54 30.59
N GLN B 213 -2.02 -12.75 31.80
CA GLN B 213 -1.19 -12.87 32.98
C GLN B 213 -0.21 -14.06 32.84
N LYS B 214 -0.66 -15.19 32.30
CA LYS B 214 0.17 -16.38 32.15
C LYS B 214 1.34 -16.08 31.20
N TYR B 215 1.03 -15.42 30.08
CA TYR B 215 2.08 -15.12 29.10
C TYR B 215 3.08 -14.14 29.67
N LEU B 216 2.62 -13.15 30.43
CA LEU B 216 3.57 -12.23 31.05
C LEU B 216 4.42 -12.96 32.10
N ALA B 217 3.83 -13.91 32.84
CA ALA B 217 4.56 -14.64 33.85
C ALA B 217 5.77 -15.37 33.24
N ILE B 218 5.63 -15.90 32.03
CA ILE B 218 6.74 -16.59 31.39
C ILE B 218 7.89 -15.60 31.19
N ALA B 219 7.59 -14.40 30.68
CA ALA B 219 8.61 -13.38 30.47
C ALA B 219 9.26 -13.00 31.81
N ASP B 220 8.42 -12.78 32.83
CA ASP B 220 8.92 -12.37 34.13
C ASP B 220 9.88 -13.43 34.70
N GLU B 221 9.53 -14.70 34.56
CA GLU B 221 10.37 -15.79 35.05
C GLU B 221 11.68 -15.92 34.27
N LEU B 222 11.65 -15.69 32.95
CA LEU B 222 12.86 -15.82 32.17
C LEU B 222 13.78 -14.60 32.33
N PHE B 223 13.25 -13.38 32.36
CA PHE B 223 14.06 -12.19 32.19
C PHE B 223 13.98 -11.23 33.37
N GLY B 224 13.09 -11.50 34.31
CA GLY B 224 12.76 -10.55 35.38
C GLY B 224 11.56 -9.68 35.01
N ALA B 225 10.91 -9.14 36.02
CA ALA B 225 9.61 -8.51 35.88
C ALA B 225 9.70 -7.14 35.19
N ASP B 226 10.90 -6.55 35.07
CA ASP B 226 11.06 -5.28 34.40
C ASP B 226 11.29 -5.41 32.90
N TRP B 227 11.52 -6.62 32.40
CA TRP B 227 11.91 -6.78 31.00
C TRP B 227 10.80 -6.40 30.02
N ALA B 228 9.57 -6.81 30.30
CA ALA B 228 8.47 -6.73 29.33
C ALA B 228 7.85 -5.34 29.29
N ASP B 229 8.62 -4.35 28.84
CA ASP B 229 8.08 -3.07 28.44
C ASP B 229 7.68 -3.15 26.95
N ALA B 230 7.22 -2.03 26.43
CA ALA B 230 6.65 -2.01 25.10
C ALA B 230 7.71 -2.21 24.01
N ARG B 231 8.99 -2.01 24.31
CA ARG B 231 10.02 -2.35 23.33
C ARG B 231 10.32 -3.87 23.34
N HIS B 232 9.87 -4.62 24.36
CA HIS B 232 10.22 -6.02 24.47
C HIS B 232 9.05 -6.99 24.44
N TYR B 233 7.80 -6.51 24.58
CA TYR B 233 6.68 -7.43 24.68
C TYR B 233 5.44 -6.76 24.09
N ARG B 234 4.70 -7.52 23.28
CA ARG B 234 3.41 -7.09 22.80
C ARG B 234 2.43 -8.24 22.77
N PHE B 235 1.15 -7.86 22.81
CA PHE B 235 0.02 -8.76 22.65
C PHE B 235 -0.89 -8.32 21.52
N SER B 236 -1.41 -9.28 20.77
CA SER B 236 -2.57 -9.02 19.92
C SER B 236 -3.46 -10.24 19.88
N ALA B 237 -4.77 -10.02 20.09
CA ALA B 237 -5.74 -11.06 20.00
C ALA B 237 -7.12 -10.43 19.98
N SER B 238 -8.00 -10.97 19.16
CA SER B 238 -9.37 -10.48 19.14
C SER B 238 -10.02 -10.79 20.49
N GLY B 239 -10.75 -9.80 21.01
CA GLY B 239 -11.48 -9.97 22.26
C GLY B 239 -10.64 -9.63 23.49
N LEU B 240 -9.30 -9.55 23.35
CA LEU B 240 -8.49 -9.38 24.53
C LEU B 240 -8.73 -8.02 25.19
N LEU B 241 -8.81 -6.95 24.42
CA LEU B 241 -8.94 -5.63 25.02
C LEU B 241 -10.19 -5.57 25.91
N ALA B 242 -11.31 -6.08 25.38
CA ALA B 242 -12.57 -6.12 26.12
C ALA B 242 -12.40 -6.91 27.41
N SER B 243 -11.66 -8.02 27.36
CA SER B 243 -11.46 -8.83 28.55
C SER B 243 -10.62 -8.07 29.59
N LEU B 244 -9.58 -7.37 29.12
CA LEU B 244 -8.72 -6.62 30.02
C LEU B 244 -9.50 -5.49 30.67
N LEU B 245 -10.30 -4.79 29.86
CA LEU B 245 -11.08 -3.67 30.38
C LEU B 245 -12.09 -4.13 31.42
N LYS B 246 -12.68 -5.29 31.16
CA LYS B 246 -13.64 -5.89 32.08
C LYS B 246 -12.96 -6.22 33.39
N ALA B 247 -11.77 -6.82 33.34
CA ALA B 247 -11.01 -7.09 34.55
C ALA B 247 -10.71 -5.81 35.31
N LEU B 248 -10.61 -4.68 34.62
CA LEU B 248 -10.24 -3.44 35.27
C LEU B 248 -11.48 -2.65 35.70
N GLY B 249 -12.69 -3.17 35.44
CA GLY B 249 -13.93 -2.55 35.86
C GLY B 249 -14.58 -1.66 34.80
N HIS B 250 -14.17 -1.77 33.54
CA HIS B 250 -14.84 -1.08 32.47
C HIS B 250 -15.64 -2.11 31.69
C1 A1ICA C . -6.98 6.55 -14.00
C2 A1ICA C . -6.74 5.31 -13.42
C3 A1ICA C . -7.72 4.59 -12.89
C4 A1ICA C . -7.58 3.32 -12.21
C5 A1ICA C . -8.59 2.70 -11.47
C6 A1ICA C . -8.37 1.50 -10.84
C7 A1ICA C . -7.12 0.92 -10.89
CL1 A1ICA C . -6.84 -0.59 -10.10
C8 A1ICA C . -6.08 1.52 -11.55
C9 A1ICA C . -6.32 2.71 -12.22
C1 A1ICA D . 0.53 -9.76 13.44
C2 A1ICA D . -0.34 -8.77 12.90
C3 A1ICA D . -1.51 -9.10 12.40
C4 A1ICA D . -2.39 -8.20 11.65
C5 A1ICA D . -2.06 -6.85 11.66
C6 A1ICA D . -2.81 -5.91 10.98
C7 A1ICA D . -3.89 -6.35 10.26
CL1 A1ICA D . -4.84 -5.17 9.43
C8 A1ICA D . -4.25 -7.68 10.21
C9 A1ICA D . -3.48 -8.61 10.90
C1 GOL E . -7.19 -20.89 18.83
O1 GOL E . -7.34 -19.51 19.04
C2 GOL E . -5.74 -21.14 18.50
O2 GOL E . -5.45 -20.44 17.29
C3 GOL E . -4.81 -20.67 19.59
O3 GOL E . -3.46 -20.84 19.22
#